data_6CI6
#
_entry.id   6CI6
#
_cell.length_a   93.879
_cell.length_b   93.879
_cell.length_c   140.787
_cell.angle_alpha   90.000
_cell.angle_beta   90.000
_cell.angle_gamma   120.000
#
_symmetry.space_group_name_H-M   'P 61'
#
loop_
_entity.id
_entity.type
_entity.pdbx_description
1 polymer 'Serum albumin'
2 non-polymer 'SULFATE ION'
3 non-polymer nabumetone
4 non-polymer 2-AMINO-2-HYDROXYMETHYL-PROPANE-1,3-DIOL
5 non-polymer 'nonanoic acid'
6 non-polymer 'UNKNOWN ATOM OR ION'
7 water water
#
_entity_poly.entity_id   1
_entity_poly.type   'polypeptide(L)'
_entity_poly.pdbx_seq_one_letter_code
;DTHKSEIAHRFNDLGEKHFKGLVLVAFSQYLQQCPFEDHVKLVNEVTEFAKKCAADESAENCDKSLHTLFGDKLCTVATL
RATYGELADCCEKQEPERNECFLTHKDDHPNLPKLKPEPDAQCAAFQEDPDKFLGKYLYEVARRHPYFYGPELLFHAEEY
KADFTECCPADDKLACLIPKLDALKERILLSSAKERLKCSSFQNFGERAVKAWSVARLSQKFPKADFAEVSKIVTDLTKV
HKECCHGDLLECADDRADLAKYICEHQDSISGKLKACCDKPLLQKSHCIAEVKEDDLPSDLPALAADFAEDKEICKHYKD
AKDVFLGTFLYEYSRRHPDYSVSLLLRIAKTYEATLEKCCAEADPPACYRTVFDQFTPLVEEPKSLVKKNCDLFEEVGEY
DFQNALIVRYTKKAPQVSTPTLVEIGRTLGKVGSRCCKLPESERLPCSENHLALALNRLCVLHEKTPVSEKITKCCTDSL
AERRPCFSALELDEGYVPKEFKAETFTFHADICTLPEDEKQIKKQSALAELVKHKPKATKEQLKTVLGNFSAFVAKCCGR
EDKEACFAEEGPKLVASSQLALA
;
_entity_poly.pdbx_strand_id   A
#
# COMPACT_ATOMS: atom_id res chain seq x y z
N HIS A 3 -10.18 -0.37 -32.52
CA HIS A 3 -10.97 -1.64 -32.42
C HIS A 3 -12.46 -1.39 -32.67
N LYS A 4 -13.08 -2.23 -33.50
CA LYS A 4 -14.50 -2.09 -33.84
C LYS A 4 -15.41 -2.47 -32.66
N SER A 5 -15.00 -3.48 -31.89
CA SER A 5 -15.64 -3.83 -30.62
C SER A 5 -14.56 -4.15 -29.58
N GLU A 6 -14.42 -3.26 -28.60
CA GLU A 6 -13.39 -3.37 -27.57
C GLU A 6 -13.69 -4.51 -26.58
N ILE A 7 -14.96 -4.63 -26.21
CA ILE A 7 -15.42 -5.68 -25.29
C ILE A 7 -15.18 -7.09 -25.82
N ALA A 8 -15.39 -7.29 -27.11
CA ALA A 8 -15.07 -8.55 -27.79
C ALA A 8 -13.56 -8.76 -27.89
N HIS A 9 -12.83 -7.69 -28.20
CA HIS A 9 -11.36 -7.70 -28.27
C HIS A 9 -10.74 -8.14 -26.95
N ARG A 10 -11.22 -7.58 -25.83
CA ARG A 10 -10.74 -7.97 -24.49
C ARG A 10 -11.16 -9.38 -24.11
N PHE A 11 -12.40 -9.74 -24.44
CA PHE A 11 -12.93 -11.08 -24.22
C PHE A 11 -12.12 -12.16 -24.95
N ASN A 12 -11.78 -11.88 -26.21
CA ASN A 12 -10.93 -12.77 -27.01
C ASN A 12 -9.52 -12.88 -26.44
N ASP A 13 -8.92 -11.73 -26.10
CA ASP A 13 -7.55 -11.70 -25.59
C ASP A 13 -7.40 -12.36 -24.21
N LEU A 14 -8.21 -11.93 -23.25
CA LEU A 14 -8.10 -12.39 -21.86
C LEU A 14 -8.63 -13.79 -21.60
N GLY A 15 -9.48 -14.30 -22.50
CA GLY A 15 -10.21 -15.55 -22.24
C GLY A 15 -11.41 -15.29 -21.35
N GLU A 16 -12.32 -16.25 -21.27
CA GLU A 16 -13.56 -16.08 -20.51
C GLU A 16 -13.32 -16.01 -18.99
N LYS A 17 -12.46 -16.88 -18.48
CA LYS A 17 -12.24 -16.97 -17.02
C LYS A 17 -11.71 -15.66 -16.42
N HIS A 18 -10.58 -15.18 -16.95
CA HIS A 18 -9.99 -13.92 -16.50
C HIS A 18 -10.88 -12.72 -16.81
N PHE A 19 -11.52 -12.72 -17.97
CA PHE A 19 -12.49 -11.67 -18.32
C PHE A 19 -13.54 -11.58 -17.23
N LYS A 20 -14.18 -12.71 -16.91
CA LYS A 20 -15.20 -12.78 -15.86
C LYS A 20 -14.67 -12.33 -14.50
N GLY A 21 -13.55 -12.91 -14.09
CA GLY A 21 -12.88 -12.56 -12.85
C GLY A 21 -12.59 -11.07 -12.72
N LEU A 22 -12.02 -10.47 -13.77
CA LEU A 22 -11.66 -9.05 -13.73
C LEU A 22 -12.87 -8.13 -13.72
N VAL A 23 -13.90 -8.50 -14.49
CA VAL A 23 -15.18 -7.78 -14.48
C VAL A 23 -15.84 -7.81 -13.10
N LEU A 24 -15.77 -8.96 -12.41
CA LEU A 24 -16.32 -9.10 -11.07
C LEU A 24 -15.62 -8.18 -10.08
N VAL A 25 -14.29 -8.21 -10.10
CA VAL A 25 -13.45 -7.33 -9.28
C VAL A 25 -13.82 -5.87 -9.53
N ALA A 26 -13.90 -5.49 -10.81
CA ALA A 26 -14.24 -4.11 -11.19
C ALA A 26 -15.54 -3.67 -10.54
N PHE A 27 -16.58 -4.48 -10.70
CA PHE A 27 -17.88 -4.23 -10.07
C PHE A 27 -17.83 -4.26 -8.54
N SER A 28 -17.10 -5.22 -7.97
CA SER A 28 -17.01 -5.37 -6.52
C SER A 28 -16.30 -4.21 -5.84
N GLN A 29 -15.36 -3.58 -6.55
CA GLN A 29 -14.63 -2.42 -6.02
C GLN A 29 -15.49 -1.16 -6.00
N TYR A 30 -16.26 -0.92 -7.06
CA TYR A 30 -17.18 0.23 -7.14
C TYR A 30 -18.38 0.09 -6.19
N LEU A 31 -18.93 -1.13 -6.11
CA LEU A 31 -20.11 -1.42 -5.27
C LEU A 31 -19.78 -2.38 -4.13
N GLN A 32 -19.25 -1.84 -3.04
CA GLN A 32 -18.83 -2.65 -1.89
C GLN A 32 -20.01 -3.27 -1.14
N GLN A 33 -21.07 -2.49 -0.92
CA GLN A 33 -22.23 -2.90 -0.12
C GLN A 33 -23.13 -3.97 -0.72
N CYS A 34 -23.26 -3.98 -2.05
CA CYS A 34 -24.14 -4.93 -2.74
C CYS A 34 -23.69 -6.40 -2.51
N PRO A 35 -24.66 -7.34 -2.51
CA PRO A 35 -24.35 -8.73 -2.22
C PRO A 35 -23.68 -9.44 -3.40
N PHE A 36 -23.20 -10.65 -3.14
CA PHE A 36 -22.46 -11.42 -4.13
C PHE A 36 -23.37 -11.90 -5.26
N GLU A 37 -24.54 -12.43 -4.89
CA GLU A 37 -25.53 -12.92 -5.86
C GLU A 37 -25.89 -11.88 -6.93
N ASP A 38 -25.97 -10.61 -6.52
CA ASP A 38 -26.25 -9.50 -7.44
C ASP A 38 -25.12 -9.20 -8.42
N HIS A 39 -23.88 -9.25 -7.94
CA HIS A 39 -22.70 -9.03 -8.79
C HIS A 39 -22.53 -10.10 -9.86
N VAL A 40 -22.81 -11.35 -9.50
CA VAL A 40 -22.69 -12.48 -10.42
C VAL A 40 -23.51 -12.29 -11.69
N LYS A 41 -24.76 -11.86 -11.53
CA LYS A 41 -25.64 -11.65 -12.69
C LYS A 41 -25.14 -10.52 -13.59
N LEU A 42 -24.65 -9.44 -12.98
CA LEU A 42 -24.02 -8.35 -13.76
C LEU A 42 -22.85 -8.88 -14.60
N VAL A 43 -22.00 -9.69 -13.98
CA VAL A 43 -20.88 -10.35 -14.66
C VAL A 43 -21.40 -11.24 -15.80
N ASN A 44 -22.35 -12.11 -15.46
CA ASN A 44 -22.96 -13.03 -16.43
C ASN A 44 -23.53 -12.26 -17.63
N GLU A 45 -24.28 -11.20 -17.35
CA GLU A 45 -24.90 -10.36 -18.39
C GLU A 45 -23.88 -9.73 -19.33
N VAL A 46 -22.82 -9.17 -18.74
CA VAL A 46 -21.71 -8.57 -19.49
C VAL A 46 -20.98 -9.61 -20.34
N THR A 47 -20.65 -10.74 -19.72
CA THR A 47 -19.93 -11.83 -20.39
C THR A 47 -20.73 -12.38 -21.58
N GLU A 48 -22.04 -12.49 -21.41
CA GLU A 48 -22.96 -12.84 -22.52
C GLU A 48 -22.91 -11.83 -23.65
N PHE A 49 -23.08 -10.55 -23.30
CA PHE A 49 -22.99 -9.46 -24.27
C PHE A 49 -21.65 -9.46 -25.02
N ALA A 50 -20.56 -9.72 -24.31
CA ALA A 50 -19.23 -9.82 -24.91
C ALA A 50 -19.14 -10.98 -25.91
N LYS A 51 -19.77 -12.10 -25.58
CA LYS A 51 -19.88 -13.25 -26.48
C LYS A 51 -20.68 -12.94 -27.74
N LYS A 52 -21.79 -12.21 -27.57
CA LYS A 52 -22.64 -11.79 -28.71
C LYS A 52 -21.86 -10.89 -29.67
N CYS A 53 -21.11 -9.95 -29.11
CA CYS A 53 -20.25 -9.06 -29.90
C CYS A 53 -19.10 -9.81 -30.58
N ALA A 54 -18.49 -10.75 -29.87
CA ALA A 54 -17.46 -11.61 -30.46
C ALA A 54 -17.95 -12.42 -31.68
N ALA A 55 -19.23 -12.76 -31.70
CA ALA A 55 -19.88 -13.40 -32.85
C ALA A 55 -20.08 -12.40 -33.99
N ASP A 56 -20.79 -11.31 -33.72
CA ASP A 56 -21.07 -10.27 -34.71
C ASP A 56 -20.70 -8.91 -34.11
N GLU A 57 -19.54 -8.40 -34.52
CA GLU A 57 -19.01 -7.13 -33.99
C GLU A 57 -19.79 -5.88 -34.43
N SER A 58 -20.55 -5.98 -35.53
CA SER A 58 -21.42 -4.89 -36.01
C SER A 58 -22.88 -5.11 -35.59
N ALA A 59 -23.08 -5.43 -34.31
CA ALA A 59 -24.41 -5.66 -33.74
C ALA A 59 -24.85 -4.42 -32.94
N GLU A 60 -26.03 -4.49 -32.33
CA GLU A 60 -26.56 -3.40 -31.52
C GLU A 60 -25.69 -3.16 -30.27
N ASN A 61 -25.12 -1.96 -30.19
CA ASN A 61 -24.32 -1.47 -29.03
C ASN A 61 -22.91 -2.08 -28.85
N CYS A 62 -22.49 -3.00 -29.73
CA CYS A 62 -21.17 -3.64 -29.62
C CYS A 62 -20.01 -2.70 -29.92
N ASP A 63 -20.28 -1.67 -30.73
CA ASP A 63 -19.29 -0.62 -31.05
C ASP A 63 -18.95 0.33 -29.89
N LYS A 64 -19.74 0.31 -28.82
CA LYS A 64 -19.52 1.19 -27.66
C LYS A 64 -18.24 0.88 -26.88
N SER A 65 -17.76 1.88 -26.17
CA SER A 65 -16.53 1.77 -25.39
C SER A 65 -16.79 1.01 -24.10
N LEU A 66 -15.72 0.55 -23.46
CA LEU A 66 -15.81 -0.21 -22.23
C LEU A 66 -16.39 0.60 -21.07
N HIS A 67 -15.97 1.86 -20.95
CA HIS A 67 -16.52 2.78 -19.95
C HIS A 67 -18.02 2.96 -20.10
N THR A 68 -18.47 3.14 -21.34
CA THR A 68 -19.90 3.27 -21.66
C THR A 68 -20.65 2.01 -21.22
N LEU A 69 -20.20 0.86 -21.70
CA LEU A 69 -20.87 -0.42 -21.42
C LEU A 69 -20.85 -0.81 -19.94
N PHE A 70 -19.67 -0.74 -19.32
CA PHE A 70 -19.52 -1.03 -17.88
C PHE A 70 -20.33 -0.08 -17.02
N GLY A 71 -20.26 1.21 -17.33
CA GLY A 71 -20.95 2.24 -16.57
C GLY A 71 -22.45 2.18 -16.68
N ASP A 72 -22.97 1.88 -17.87
CA ASP A 72 -24.41 1.65 -18.08
C ASP A 72 -24.88 0.49 -17.23
N LYS A 73 -24.12 -0.61 -17.26
CA LYS A 73 -24.45 -1.79 -16.48
C LYS A 73 -24.40 -1.55 -14.98
N LEU A 74 -23.50 -0.69 -14.54
CA LEU A 74 -23.43 -0.28 -13.14
C LEU A 74 -24.70 0.46 -12.71
N CYS A 75 -25.20 1.31 -13.60
CA CYS A 75 -26.40 2.12 -13.34
C CYS A 75 -27.72 1.35 -13.37
N THR A 76 -27.74 0.15 -13.95
CA THR A 76 -28.93 -0.72 -13.91
C THR A 76 -29.20 -1.32 -12.54
N VAL A 77 -28.17 -1.42 -11.69
CA VAL A 77 -28.26 -2.11 -10.39
C VAL A 77 -29.48 -1.69 -9.57
N ALA A 78 -30.11 -2.70 -8.95
CA ALA A 78 -31.26 -2.51 -8.08
C ALA A 78 -30.84 -1.81 -6.80
N THR A 79 -31.69 -0.90 -6.33
CA THR A 79 -31.48 -0.18 -5.06
C THR A 79 -30.18 0.63 -5.06
N LEU A 80 -29.88 1.26 -6.20
CA LEU A 80 -28.63 2.01 -6.37
C LEU A 80 -28.68 3.40 -5.73
N ARG A 81 -29.81 4.10 -5.85
CA ARG A 81 -29.96 5.44 -5.28
C ARG A 81 -29.99 5.41 -3.75
N ALA A 82 -30.63 4.39 -3.19
CA ALA A 82 -30.75 4.22 -1.74
C ALA A 82 -29.41 3.85 -1.10
N THR A 83 -28.77 2.84 -1.66
CA THR A 83 -27.47 2.36 -1.18
C THR A 83 -26.33 3.33 -1.52
N TYR A 84 -26.33 3.85 -2.76
CA TYR A 84 -25.25 4.70 -3.28
C TYR A 84 -25.78 5.99 -3.90
N GLY A 85 -26.15 6.95 -3.05
CA GLY A 85 -26.56 8.28 -3.51
C GLY A 85 -25.51 8.95 -4.38
N GLU A 86 -24.25 8.77 -4.02
CA GLU A 86 -23.11 9.34 -4.73
C GLU A 86 -23.02 8.83 -6.17
N LEU A 87 -23.05 7.51 -6.32
CA LEU A 87 -22.94 6.87 -7.64
C LEU A 87 -24.17 7.06 -8.54
N ALA A 88 -25.33 7.29 -7.94
CA ALA A 88 -26.55 7.59 -8.69
C ALA A 88 -26.52 8.99 -9.34
N ASP A 89 -25.88 9.94 -8.66
CA ASP A 89 -25.61 11.27 -9.22
C ASP A 89 -24.73 11.18 -10.48
N CYS A 90 -23.77 10.26 -10.46
CA CYS A 90 -22.88 10.00 -11.59
C CYS A 90 -23.59 9.45 -12.83
N CYS A 91 -24.57 8.59 -12.60
CA CYS A 91 -25.28 7.87 -13.67
C CYS A 91 -25.97 8.74 -14.73
N GLU A 92 -26.41 9.92 -14.34
CA GLU A 92 -27.00 10.89 -15.29
C GLU A 92 -26.00 11.41 -16.33
N LYS A 93 -24.72 11.49 -15.96
CA LYS A 93 -23.67 12.07 -16.82
C LYS A 93 -23.32 11.21 -18.04
N GLN A 94 -22.75 11.86 -19.05
CA GLN A 94 -22.14 11.18 -20.20
C GLN A 94 -20.69 10.81 -19.86
N GLU A 95 -20.00 10.17 -20.81
CA GLU A 95 -18.58 9.82 -20.64
C GLU A 95 -17.68 10.86 -21.35
N PRO A 96 -16.46 11.12 -20.86
CA PRO A 96 -15.84 10.45 -19.70
C PRO A 96 -16.22 11.00 -18.31
N GLU A 97 -17.07 12.02 -18.27
CA GLU A 97 -17.47 12.68 -17.01
C GLU A 97 -18.05 11.73 -15.97
N ARG A 98 -18.82 10.74 -16.43
CA ARG A 98 -19.45 9.76 -15.56
C ARG A 98 -18.43 8.81 -14.92
N ASN A 99 -17.52 8.28 -15.74
CA ASN A 99 -16.42 7.46 -15.23
C ASN A 99 -15.58 8.22 -14.20
N GLU A 100 -15.27 9.47 -14.52
CA GLU A 100 -14.54 10.38 -13.61
C GLU A 100 -15.29 10.61 -12.31
N CYS A 101 -16.62 10.70 -12.41
CA CYS A 101 -17.49 10.77 -11.23
C CYS A 101 -17.41 9.50 -10.36
N PHE A 102 -17.45 8.33 -11.01
CA PHE A 102 -17.40 7.04 -10.28
C PHE A 102 -16.13 6.87 -9.44
N LEU A 103 -14.99 7.28 -10.00
CA LEU A 103 -13.70 7.15 -9.31
C LEU A 103 -13.62 8.00 -8.06
N THR A 104 -14.03 9.27 -8.20
CA THR A 104 -14.16 10.21 -7.06
C THR A 104 -14.89 9.60 -5.87
N HIS A 105 -15.96 8.85 -6.16
CA HIS A 105 -16.86 8.35 -5.12
C HIS A 105 -16.63 6.89 -4.68
N LYS A 106 -15.52 6.28 -5.11
CA LYS A 106 -15.07 5.00 -4.54
C LYS A 106 -14.72 5.18 -3.07
N ASP A 107 -15.42 4.44 -2.20
CA ASP A 107 -15.21 4.54 -0.75
C ASP A 107 -13.92 3.79 -0.35
N ASP A 108 -12.88 4.56 -0.05
CA ASP A 108 -11.54 4.01 0.23
C ASP A 108 -11.48 3.09 1.45
N HIS A 109 -12.42 3.23 2.37
CA HIS A 109 -12.59 2.25 3.44
C HIS A 109 -14.06 2.12 3.87
N PRO A 110 -14.66 0.94 3.66
CA PRO A 110 -16.04 0.66 4.10
C PRO A 110 -16.16 0.10 5.54
N ASN A 111 -15.08 -0.47 6.06
CA ASN A 111 -15.08 -1.13 7.39
C ASN A 111 -16.08 -2.29 7.46
N LEU A 112 -15.87 -3.27 6.60
CA LEU A 112 -16.66 -4.50 6.59
C LEU A 112 -16.06 -5.46 7.61
N PRO A 113 -16.82 -6.50 8.01
CA PRO A 113 -16.31 -7.55 8.91
C PRO A 113 -14.96 -8.14 8.46
N LYS A 114 -14.05 -8.35 9.41
CA LYS A 114 -12.76 -8.96 9.11
C LYS A 114 -12.96 -10.39 8.59
N LEU A 115 -12.15 -10.77 7.59
CA LEU A 115 -12.29 -12.08 6.94
C LEU A 115 -11.81 -13.22 7.83
N LYS A 116 -12.75 -13.78 8.59
CA LYS A 116 -12.48 -14.93 9.46
C LYS A 116 -12.60 -16.23 8.66
N PRO A 117 -11.50 -17.01 8.57
CA PRO A 117 -11.57 -18.28 7.86
C PRO A 117 -12.36 -19.36 8.63
N GLU A 118 -13.35 -19.95 7.95
CA GLU A 118 -14.19 -21.03 8.50
C GLU A 118 -13.97 -22.32 7.71
N PRO A 119 -12.95 -23.13 8.09
CA PRO A 119 -12.49 -24.30 7.32
C PRO A 119 -13.57 -25.22 6.74
N ASP A 120 -14.47 -25.72 7.60
CA ASP A 120 -15.46 -26.74 7.19
C ASP A 120 -16.48 -26.22 6.18
N ALA A 121 -17.07 -25.07 6.51
CA ALA A 121 -18.07 -24.42 5.65
C ALA A 121 -17.47 -23.94 4.32
N GLN A 122 -16.24 -23.44 4.35
CA GLN A 122 -15.53 -23.02 3.14
C GLN A 122 -15.09 -24.21 2.29
N CYS A 123 -14.61 -25.28 2.93
CA CYS A 123 -14.28 -26.53 2.21
C CYS A 123 -15.50 -27.17 1.57
N ALA A 124 -16.65 -27.06 2.25
CA ALA A 124 -17.94 -27.49 1.71
C ALA A 124 -18.30 -26.70 0.44
N ALA A 125 -18.26 -25.38 0.55
CA ALA A 125 -18.53 -24.47 -0.57
C ALA A 125 -17.52 -24.61 -1.73
N PHE A 126 -16.26 -24.88 -1.38
CA PHE A 126 -15.19 -25.09 -2.36
C PHE A 126 -15.45 -26.36 -3.19
N GLN A 127 -15.86 -27.42 -2.51
CA GLN A 127 -16.13 -28.71 -3.13
C GLN A 127 -17.34 -28.67 -4.07
N GLU A 128 -18.47 -28.15 -3.59
CA GLU A 128 -19.72 -28.15 -4.38
C GLU A 128 -19.64 -27.31 -5.66
N ASP A 129 -19.07 -26.11 -5.55
CA ASP A 129 -18.82 -25.24 -6.71
C ASP A 129 -17.55 -24.43 -6.47
N PRO A 130 -16.39 -24.90 -6.99
CA PRO A 130 -15.15 -24.16 -6.76
C PRO A 130 -15.10 -22.81 -7.48
N ASP A 131 -15.71 -22.72 -8.67
CA ASP A 131 -15.76 -21.47 -9.45
C ASP A 131 -16.48 -20.35 -8.70
N LYS A 132 -17.68 -20.64 -8.21
CA LYS A 132 -18.46 -19.70 -7.38
C LYS A 132 -17.76 -19.37 -6.05
N PHE A 133 -16.98 -20.32 -5.54
CA PHE A 133 -16.20 -20.14 -4.32
C PHE A 133 -15.03 -19.18 -4.49
N LEU A 134 -14.28 -19.36 -5.59
CA LEU A 134 -13.25 -18.39 -5.99
C LEU A 134 -13.86 -17.05 -6.34
N GLY A 135 -15.04 -17.09 -6.96
CA GLY A 135 -15.86 -15.89 -7.16
C GLY A 135 -16.07 -15.10 -5.90
N LYS A 136 -16.47 -15.78 -4.82
CA LYS A 136 -16.63 -15.13 -3.50
C LYS A 136 -15.32 -14.55 -2.97
N TYR A 137 -14.21 -15.26 -3.17
CA TYR A 137 -12.90 -14.75 -2.80
C TYR A 137 -12.60 -13.41 -3.48
N LEU A 138 -12.74 -13.39 -4.80
CA LEU A 138 -12.56 -12.17 -5.59
C LEU A 138 -13.44 -11.03 -5.09
N TYR A 139 -14.72 -11.33 -4.92
CA TYR A 139 -15.72 -10.37 -4.44
C TYR A 139 -15.36 -9.79 -3.09
N GLU A 140 -15.06 -10.67 -2.13
CA GLU A 140 -14.85 -10.26 -0.75
C GLU A 140 -13.56 -9.45 -0.55
N VAL A 141 -12.50 -9.84 -1.26
CA VAL A 141 -11.23 -9.11 -1.21
C VAL A 141 -11.33 -7.78 -1.97
N ALA A 142 -11.90 -7.81 -3.17
CA ALA A 142 -12.03 -6.61 -3.99
C ALA A 142 -12.80 -5.46 -3.31
N ARG A 143 -13.90 -5.78 -2.64
CA ARG A 143 -14.69 -4.76 -1.95
C ARG A 143 -14.02 -4.18 -0.69
N ARG A 144 -13.14 -4.97 -0.07
CA ARG A 144 -12.32 -4.48 1.04
C ARG A 144 -11.12 -3.63 0.61
N HIS A 145 -10.81 -3.64 -0.68
CA HIS A 145 -9.67 -2.91 -1.24
C HIS A 145 -10.03 -2.38 -2.62
N PRO A 146 -10.72 -1.22 -2.67
CA PRO A 146 -11.23 -0.72 -3.95
C PRO A 146 -10.20 -0.38 -5.04
N TYR A 147 -8.91 -0.29 -4.66
CA TYR A 147 -7.82 -0.03 -5.61
C TYR A 147 -6.84 -1.20 -5.78
N PHE A 148 -7.29 -2.42 -5.48
CA PHE A 148 -6.46 -3.62 -5.66
C PHE A 148 -6.35 -3.89 -7.16
N TYR A 149 -5.18 -4.34 -7.61
CA TYR A 149 -4.96 -4.64 -9.04
C TYR A 149 -5.62 -5.94 -9.43
N GLY A 150 -6.51 -5.88 -10.41
CA GLY A 150 -7.23 -7.05 -10.91
C GLY A 150 -6.37 -8.28 -11.14
N PRO A 151 -5.39 -8.20 -12.07
CA PRO A 151 -4.49 -9.32 -12.38
C PRO A 151 -3.78 -9.92 -11.16
N GLU A 152 -3.24 -9.04 -10.32
CA GLU A 152 -2.57 -9.45 -9.08
C GLU A 152 -3.54 -10.12 -8.10
N LEU A 153 -4.80 -9.66 -8.10
CA LEU A 153 -5.84 -10.28 -7.27
C LEU A 153 -6.26 -11.66 -7.79
N LEU A 154 -6.23 -11.85 -9.11
CA LEU A 154 -6.43 -13.18 -9.72
C LEU A 154 -5.31 -14.16 -9.32
N PHE A 155 -4.09 -13.64 -9.23
CA PHE A 155 -2.94 -14.43 -8.77
C PHE A 155 -3.12 -14.93 -7.35
N HIS A 156 -3.51 -14.04 -6.44
CA HIS A 156 -3.76 -14.41 -5.04
C HIS A 156 -4.97 -15.36 -4.88
N ALA A 157 -5.88 -15.34 -5.83
CA ALA A 157 -7.01 -16.29 -5.89
C ALA A 157 -6.55 -17.71 -6.21
N GLU A 158 -5.53 -17.85 -7.04
CA GLU A 158 -4.94 -19.16 -7.33
C GLU A 158 -4.15 -19.71 -6.16
N GLU A 159 -3.49 -18.82 -5.41
CA GLU A 159 -2.86 -19.18 -4.13
C GLU A 159 -3.91 -19.63 -3.11
N TYR A 160 -5.00 -18.87 -3.04
CA TYR A 160 -6.14 -19.18 -2.19
C TYR A 160 -6.70 -20.57 -2.51
N LYS A 161 -6.95 -20.81 -3.79
CA LYS A 161 -7.41 -22.12 -4.28
C LYS A 161 -6.42 -23.25 -3.96
N ALA A 162 -5.14 -22.99 -4.19
CA ALA A 162 -4.06 -23.96 -3.93
C ALA A 162 -4.06 -24.47 -2.47
N ASP A 163 -4.38 -23.57 -1.54
CA ASP A 163 -4.50 -23.92 -0.12
C ASP A 163 -5.69 -24.84 0.14
N PHE A 164 -6.83 -24.55 -0.50
CA PHE A 164 -8.04 -25.36 -0.34
C PHE A 164 -7.99 -26.74 -1.02
N THR A 165 -7.22 -26.87 -2.10
CA THR A 165 -6.97 -28.19 -2.70
C THR A 165 -6.09 -29.07 -1.81
N GLU A 166 -5.05 -28.48 -1.23
CA GLU A 166 -4.11 -29.21 -0.37
C GLU A 166 -4.69 -29.60 1.00
N CYS A 167 -5.67 -28.83 1.50
CA CYS A 167 -6.12 -28.96 2.91
C CYS A 167 -7.50 -29.57 3.19
N CYS A 168 -8.44 -29.48 2.24
CA CYS A 168 -9.81 -29.98 2.48
C CYS A 168 -9.93 -31.52 2.60
N PRO A 169 -9.31 -32.29 1.69
CA PRO A 169 -9.29 -33.75 1.90
C PRO A 169 -8.33 -34.22 3.00
N ALA A 170 -7.36 -33.38 3.36
CA ALA A 170 -6.34 -33.69 4.38
C ALA A 170 -6.91 -33.83 5.81
N ASP A 171 -6.06 -34.33 6.70
CA ASP A 171 -6.45 -34.74 8.07
C ASP A 171 -7.14 -33.66 8.91
N ASP A 172 -6.39 -32.65 9.32
CA ASP A 172 -6.88 -31.58 10.20
C ASP A 172 -7.12 -30.31 9.38
N LYS A 173 -8.40 -29.94 9.22
CA LYS A 173 -8.79 -28.78 8.40
C LYS A 173 -8.40 -27.43 9.03
N LEU A 174 -8.42 -27.35 10.36
CA LEU A 174 -8.10 -26.11 11.06
C LEU A 174 -6.63 -25.73 10.89
N ALA A 175 -5.74 -26.60 11.37
CA ALA A 175 -4.30 -26.34 11.38
C ALA A 175 -3.62 -26.27 10.00
N CYS A 176 -4.25 -26.84 8.97
CA CYS A 176 -3.74 -26.74 7.59
C CYS A 176 -4.03 -25.37 6.99
N LEU A 177 -5.29 -24.97 7.02
CA LEU A 177 -5.74 -23.71 6.40
C LEU A 177 -5.36 -22.45 7.19
N ILE A 178 -5.71 -22.44 8.48
CA ILE A 178 -5.55 -21.24 9.35
C ILE A 178 -4.22 -20.47 9.13
N PRO A 179 -3.06 -21.15 9.28
CA PRO A 179 -1.78 -20.44 9.05
C PRO A 179 -1.56 -20.02 7.59
N LYS A 180 -2.03 -20.82 6.64
CA LYS A 180 -1.94 -20.49 5.21
C LYS A 180 -2.83 -19.30 4.82
N LEU A 181 -4.04 -19.25 5.35
CA LEU A 181 -4.95 -18.13 5.12
C LEU A 181 -4.62 -16.89 5.95
N ASP A 182 -3.83 -17.05 7.01
CA ASP A 182 -3.26 -15.90 7.75
C ASP A 182 -2.09 -15.32 6.96
N ALA A 183 -1.19 -16.19 6.53
CA ALA A 183 -0.06 -15.82 5.67
C ALA A 183 -0.50 -15.17 4.35
N LEU A 184 -1.58 -15.68 3.76
CA LEU A 184 -2.16 -15.12 2.55
C LEU A 184 -2.75 -13.72 2.78
N LYS A 185 -3.43 -13.54 3.90
CA LYS A 185 -4.03 -12.26 4.27
C LYS A 185 -2.95 -11.18 4.54
N GLU A 186 -1.79 -11.59 5.06
CA GLU A 186 -0.63 -10.71 5.18
C GLU A 186 -0.06 -10.31 3.82
N ARG A 187 0.02 -11.26 2.90
CA ARG A 187 0.46 -10.98 1.52
C ARG A 187 -0.57 -10.17 0.72
N ILE A 188 -1.84 -10.31 1.06
CA ILE A 188 -2.92 -9.49 0.49
C ILE A 188 -2.78 -8.04 0.93
N LEU A 189 -2.57 -7.81 2.22
CA LEU A 189 -2.44 -6.45 2.78
C LEU A 189 -1.27 -5.67 2.17
N LEU A 190 -0.13 -6.35 2.00
CA LEU A 190 1.06 -5.72 1.46
C LEU A 190 0.93 -5.35 -0.02
N SER A 191 0.38 -6.24 -0.83
CA SER A 191 0.15 -5.98 -2.27
C SER A 191 -0.87 -4.85 -2.47
N SER A 192 -1.91 -4.85 -1.65
CA SER A 192 -2.89 -3.75 -1.58
C SER A 192 -2.25 -2.41 -1.22
N ALA A 193 -1.34 -2.42 -0.24
CA ALA A 193 -0.64 -1.22 0.21
C ALA A 193 0.29 -0.66 -0.86
N LYS A 194 1.03 -1.54 -1.54
CA LYS A 194 1.92 -1.17 -2.66
C LYS A 194 1.17 -0.47 -3.80
N GLU A 195 0.02 -1.04 -4.15
CA GLU A 195 -0.78 -0.56 -5.27
C GLU A 195 -1.61 0.66 -4.93
N ARG A 196 -2.01 0.78 -3.67
CA ARG A 196 -2.66 1.99 -3.17
C ARG A 196 -1.71 3.20 -3.16
N LEU A 197 -0.42 2.95 -2.90
CA LEU A 197 0.61 4.00 -2.99
C LEU A 197 0.74 4.53 -4.43
N LYS A 198 0.73 3.62 -5.40
CA LYS A 198 0.79 4.01 -6.81
C LYS A 198 -0.41 4.85 -7.23
N CYS A 199 -1.60 4.39 -6.85
CA CYS A 199 -2.84 5.11 -7.15
C CYS A 199 -2.94 6.44 -6.40
N SER A 200 -2.55 6.44 -5.13
CA SER A 200 -2.47 7.68 -4.33
C SER A 200 -1.49 8.68 -4.94
N SER A 201 -0.39 8.18 -5.51
CA SER A 201 0.63 9.02 -6.11
C SER A 201 0.13 9.71 -7.38
N PHE A 202 -0.69 9.02 -8.18
CA PHE A 202 -1.38 9.64 -9.32
C PHE A 202 -2.34 10.74 -8.82
N GLN A 203 -3.23 10.34 -7.92
CA GLN A 203 -4.25 11.23 -7.33
C GLN A 203 -3.68 12.49 -6.71
N ASN A 204 -2.69 12.33 -5.84
CA ASN A 204 -2.12 13.44 -5.05
C ASN A 204 -1.04 14.24 -5.79
N PHE A 205 -0.17 13.56 -6.52
CA PHE A 205 1.04 14.17 -7.11
C PHE A 205 1.18 14.10 -8.63
N GLY A 206 0.32 13.34 -9.30
CA GLY A 206 0.31 13.27 -10.75
C GLY A 206 1.19 12.17 -11.32
N GLU A 207 1.23 12.13 -12.65
CA GLU A 207 1.87 11.04 -13.40
C GLU A 207 3.40 11.09 -13.35
N ARG A 208 3.97 12.29 -13.37
CA ARG A 208 5.42 12.48 -13.27
C ARG A 208 6.03 11.94 -11.97
N ALA A 209 5.27 12.00 -10.88
CA ALA A 209 5.71 11.45 -9.59
C ALA A 209 5.80 9.93 -9.62
N VAL A 210 4.85 9.28 -10.30
CA VAL A 210 4.84 7.82 -10.48
C VAL A 210 5.97 7.39 -11.41
N LYS A 211 6.19 8.14 -12.50
CA LYS A 211 7.31 7.87 -13.41
C LYS A 211 8.64 7.93 -12.67
N ALA A 212 8.85 9.01 -11.93
CA ALA A 212 10.09 9.21 -11.15
C ALA A 212 10.35 8.09 -10.14
N TRP A 213 9.31 7.67 -9.41
CA TRP A 213 9.40 6.55 -8.47
C TRP A 213 9.76 5.26 -9.20
N SER A 214 9.11 5.04 -10.33
CA SER A 214 9.32 3.84 -11.16
C SER A 214 10.71 3.81 -11.79
N VAL A 215 11.17 4.97 -12.30
CA VAL A 215 12.53 5.11 -12.83
C VAL A 215 13.54 4.67 -11.76
N ALA A 216 13.38 5.20 -10.54
CA ALA A 216 14.27 4.91 -9.42
C ALA A 216 14.26 3.43 -9.01
N ARG A 217 13.06 2.89 -8.80
CA ARG A 217 12.92 1.49 -8.36
C ARG A 217 13.43 0.49 -9.39
N LEU A 218 13.05 0.67 -10.65
CA LEU A 218 13.46 -0.24 -11.72
C LEU A 218 14.96 -0.19 -12.02
N SER A 219 15.54 0.99 -11.99
CA SER A 219 16.99 1.17 -12.12
C SER A 219 17.76 0.36 -11.07
N GLN A 220 17.27 0.38 -9.83
CA GLN A 220 17.81 -0.44 -8.75
C GLN A 220 17.70 -1.94 -9.05
N LYS A 221 16.53 -2.36 -9.53
CA LYS A 221 16.25 -3.77 -9.81
C LYS A 221 16.98 -4.30 -11.04
N PHE A 222 17.12 -3.44 -12.05
CA PHE A 222 17.76 -3.81 -13.31
C PHE A 222 18.90 -2.84 -13.64
N PRO A 223 20.00 -2.92 -12.88
CA PRO A 223 21.15 -2.07 -13.14
C PRO A 223 21.89 -2.39 -14.45
N LYS A 224 21.83 -3.65 -14.90
CA LYS A 224 22.43 -4.05 -16.18
C LYS A 224 21.70 -3.49 -17.40
N ALA A 225 20.41 -3.21 -17.25
CA ALA A 225 19.57 -2.70 -18.34
C ALA A 225 19.99 -1.30 -18.76
N ASP A 226 20.10 -1.09 -20.07
CA ASP A 226 20.41 0.22 -20.64
C ASP A 226 19.19 1.15 -20.56
N PHE A 227 19.43 2.44 -20.75
CA PHE A 227 18.42 3.48 -20.53
C PHE A 227 17.16 3.29 -21.37
N ALA A 228 17.35 2.99 -22.66
CA ALA A 228 16.23 2.81 -23.59
C ALA A 228 15.28 1.67 -23.20
N GLU A 229 15.82 0.57 -22.66
CA GLU A 229 15.00 -0.54 -22.15
C GLU A 229 14.21 -0.16 -20.90
N VAL A 230 14.84 0.60 -20.01
CA VAL A 230 14.17 1.10 -18.79
C VAL A 230 13.09 2.14 -19.16
N SER A 231 13.40 3.02 -20.11
CA SER A 231 12.44 4.02 -20.60
C SER A 231 11.14 3.38 -21.08
N LYS A 232 11.29 2.34 -21.89
CA LYS A 232 10.17 1.51 -22.39
C LYS A 232 9.36 0.97 -21.22
N ILE A 233 10.03 0.26 -20.31
CA ILE A 233 9.38 -0.39 -19.17
C ILE A 233 8.61 0.59 -18.28
N VAL A 234 9.22 1.73 -17.95
CA VAL A 234 8.59 2.74 -17.09
C VAL A 234 7.33 3.31 -17.72
N THR A 235 7.47 3.76 -18.97
CA THR A 235 6.36 4.29 -19.77
C THR A 235 5.17 3.33 -19.78
N ASP A 236 5.45 2.08 -20.11
CA ASP A 236 4.41 1.05 -20.21
C ASP A 236 3.84 0.65 -18.84
N LEU A 237 4.71 0.53 -17.84
CA LEU A 237 4.28 0.21 -16.47
C LEU A 237 3.44 1.33 -15.86
N THR A 238 3.80 2.58 -16.14
CA THR A 238 3.02 3.73 -15.70
C THR A 238 1.64 3.74 -16.35
N LYS A 239 1.57 3.37 -17.63
CA LYS A 239 0.29 3.22 -18.34
C LYS A 239 -0.57 2.11 -17.75
N VAL A 240 0.07 1.02 -17.35
CA VAL A 240 -0.61 -0.10 -16.68
C VAL A 240 -1.20 0.36 -15.35
N HIS A 241 -0.37 1.02 -14.54
CA HIS A 241 -0.77 1.47 -13.20
C HIS A 241 -1.88 2.52 -13.28
N LYS A 242 -1.75 3.49 -14.18
CA LYS A 242 -2.78 4.51 -14.40
C LYS A 242 -4.14 3.91 -14.76
N GLU A 243 -4.12 2.85 -15.59
CA GLU A 243 -5.33 2.17 -16.03
C GLU A 243 -6.01 1.38 -14.92
N CYS A 244 -5.23 0.60 -14.18
CA CYS A 244 -5.77 -0.17 -13.04
C CYS A 244 -6.38 0.74 -11.94
N CYS A 245 -5.71 1.87 -11.68
CA CYS A 245 -6.17 2.82 -10.66
C CYS A 245 -7.47 3.54 -11.05
N HIS A 246 -7.60 3.84 -12.35
CA HIS A 246 -8.80 4.49 -12.89
C HIS A 246 -9.83 3.48 -13.43
N GLY A 247 -9.90 2.29 -12.83
CA GLY A 247 -10.96 1.32 -13.13
C GLY A 247 -10.79 0.44 -14.36
N ASP A 248 -9.91 0.80 -15.28
CA ASP A 248 -9.79 0.09 -16.54
C ASP A 248 -9.03 -1.22 -16.35
N LEU A 249 -9.73 -2.22 -15.84
CA LEU A 249 -9.12 -3.50 -15.46
C LEU A 249 -8.81 -4.39 -16.67
N LEU A 250 -9.67 -4.35 -17.67
CA LEU A 250 -9.50 -5.16 -18.88
C LEU A 250 -8.34 -4.66 -19.72
N GLU A 251 -8.23 -3.34 -19.85
CA GLU A 251 -7.06 -2.72 -20.49
C GLU A 251 -5.77 -2.94 -19.68
N CYS A 252 -5.89 -2.93 -18.35
CA CYS A 252 -4.77 -3.14 -17.43
C CYS A 252 -4.18 -4.55 -17.54
N ALA A 253 -5.04 -5.55 -17.49
CA ALA A 253 -4.63 -6.96 -17.65
C ALA A 253 -3.92 -7.24 -18.98
N ASP A 254 -4.41 -6.63 -20.06
CA ASP A 254 -3.85 -6.82 -21.39
C ASP A 254 -2.45 -6.22 -21.48
N ASP A 255 -2.33 -4.96 -21.06
CA ASP A 255 -1.04 -4.26 -21.07
C ASP A 255 0.00 -4.82 -20.09
N ARG A 256 -0.46 -5.31 -18.95
CA ARG A 256 0.42 -5.95 -17.95
C ARG A 256 1.06 -7.23 -18.50
N ALA A 257 0.23 -8.06 -19.15
CA ALA A 257 0.68 -9.30 -19.79
C ALA A 257 1.65 -9.03 -20.95
N ASP A 258 1.31 -8.05 -21.78
CA ASP A 258 2.18 -7.58 -22.86
C ASP A 258 3.52 -7.04 -22.35
N LEU A 259 3.49 -6.37 -21.20
CA LEU A 259 4.70 -5.83 -20.57
C LEU A 259 5.57 -6.95 -19.99
N ALA A 260 4.95 -7.89 -19.29
CA ALA A 260 5.65 -9.08 -18.78
C ALA A 260 6.21 -9.93 -19.92
N LYS A 261 5.47 -10.02 -21.02
CA LYS A 261 5.91 -10.66 -22.27
C LYS A 261 7.17 -9.98 -22.82
N TYR A 262 7.17 -8.65 -22.91
CA TYR A 262 8.34 -7.91 -23.40
C TYR A 262 9.56 -8.15 -22.52
N ILE A 263 9.37 -8.01 -21.21
CA ILE A 263 10.47 -8.15 -20.24
C ILE A 263 11.18 -9.50 -20.36
N CYS A 264 10.41 -10.56 -20.60
CA CYS A 264 10.95 -11.92 -20.71
C CYS A 264 11.59 -12.24 -22.07
N GLU A 265 11.07 -11.63 -23.14
CA GLU A 265 11.71 -11.70 -24.47
C GLU A 265 13.09 -11.02 -24.49
N HIS A 266 13.30 -10.05 -23.62
CA HIS A 266 14.56 -9.31 -23.49
C HIS A 266 15.22 -9.52 -22.11
N GLN A 267 14.94 -10.66 -21.47
CA GLN A 267 15.43 -10.92 -20.09
C GLN A 267 16.96 -11.02 -19.97
N ASP A 268 17.62 -11.48 -21.04
CA ASP A 268 19.08 -11.58 -21.08
C ASP A 268 19.74 -10.24 -20.77
N SER A 269 19.34 -9.21 -21.53
CA SER A 269 19.91 -7.87 -21.41
C SER A 269 19.38 -6.98 -20.26
N ILE A 270 18.31 -7.42 -19.59
CA ILE A 270 17.67 -6.64 -18.51
C ILE A 270 18.15 -7.08 -17.12
N SER A 271 18.10 -8.38 -16.84
CA SER A 271 18.52 -8.91 -15.54
C SER A 271 18.68 -10.42 -15.56
N GLY A 272 19.72 -10.89 -14.87
CA GLY A 272 19.92 -12.34 -14.65
C GLY A 272 18.89 -12.99 -13.74
N LYS A 273 18.32 -12.19 -12.84
CA LYS A 273 17.35 -12.68 -11.83
C LYS A 273 15.97 -13.05 -12.38
N LEU A 274 15.67 -12.65 -13.62
CA LEU A 274 14.37 -12.95 -14.26
C LEU A 274 14.19 -14.39 -14.77
N LYS A 275 15.25 -15.20 -14.76
CA LYS A 275 15.22 -16.59 -15.24
C LYS A 275 14.06 -17.40 -14.65
N ALA A 276 13.97 -17.40 -13.32
CA ALA A 276 12.90 -18.13 -12.62
C ALA A 276 11.51 -17.62 -12.97
N CYS A 277 11.37 -16.29 -13.04
CA CYS A 277 10.08 -15.64 -13.34
C CYS A 277 9.54 -15.91 -14.73
N CYS A 278 10.42 -15.99 -15.72
CA CYS A 278 10.01 -16.18 -17.12
C CYS A 278 9.63 -17.62 -17.51
N ASP A 279 10.04 -18.58 -16.69
CA ASP A 279 9.63 -19.99 -16.84
C ASP A 279 8.44 -20.30 -15.93
N LYS A 280 7.36 -19.53 -16.10
CA LYS A 280 6.16 -19.63 -15.26
C LYS A 280 4.92 -19.20 -16.04
N PRO A 281 3.72 -19.62 -15.61
CA PRO A 281 2.47 -19.19 -16.26
C PRO A 281 2.16 -17.70 -16.11
N LEU A 282 1.17 -17.25 -16.88
CA LEU A 282 0.83 -15.82 -17.06
C LEU A 282 0.85 -14.95 -15.79
N LEU A 283 -0.04 -15.25 -14.84
CA LEU A 283 -0.21 -14.43 -13.65
C LEU A 283 0.94 -14.59 -12.67
N GLN A 284 1.41 -15.83 -12.52
CA GLN A 284 2.60 -16.16 -11.70
C GLN A 284 3.84 -15.39 -12.18
N LYS A 285 3.99 -15.32 -13.50
CA LYS A 285 5.11 -14.62 -14.14
C LYS A 285 5.14 -13.13 -13.80
N SER A 286 4.01 -12.47 -13.99
CA SER A 286 3.91 -11.03 -13.72
C SER A 286 4.19 -10.69 -12.25
N HIS A 287 3.60 -11.45 -11.33
CA HIS A 287 3.86 -11.31 -9.88
C HIS A 287 5.33 -11.48 -9.54
N CYS A 288 6.00 -12.40 -10.21
CA CYS A 288 7.42 -12.68 -9.96
C CYS A 288 8.31 -11.51 -10.41
N ILE A 289 8.00 -10.94 -11.58
CA ILE A 289 8.73 -9.78 -12.14
C ILE A 289 8.59 -8.55 -11.24
N ALA A 290 7.39 -8.32 -10.73
CA ALA A 290 7.10 -7.19 -9.86
C ALA A 290 7.82 -7.26 -8.53
N GLU A 291 7.93 -8.46 -7.97
CA GLU A 291 8.62 -8.70 -6.69
C GLU A 291 10.01 -9.36 -6.86
N VAL A 292 10.60 -9.23 -8.05
CA VAL A 292 11.91 -9.83 -8.34
C VAL A 292 13.00 -9.15 -7.53
N LYS A 293 13.97 -9.94 -7.07
CA LYS A 293 15.12 -9.40 -6.34
C LYS A 293 16.01 -8.60 -7.27
N GLU A 294 16.73 -7.66 -6.68
CA GLU A 294 17.59 -6.75 -7.44
C GLU A 294 18.77 -7.52 -8.02
N ASP A 295 19.10 -7.23 -9.27
CA ASP A 295 20.23 -7.85 -9.95
C ASP A 295 21.53 -7.32 -9.34
N ASP A 296 22.59 -8.13 -9.43
CA ASP A 296 23.91 -7.75 -8.91
C ASP A 296 24.47 -6.55 -9.65
N LEU A 297 25.31 -5.78 -8.97
CA LEU A 297 25.91 -4.58 -9.56
C LEU A 297 26.85 -4.97 -10.70
N PRO A 298 26.68 -4.36 -11.90
CA PRO A 298 27.67 -4.52 -12.95
C PRO A 298 29.01 -3.89 -12.56
N SER A 299 30.09 -4.54 -12.96
CA SER A 299 31.44 -4.04 -12.71
C SER A 299 31.73 -2.73 -13.44
N ASP A 300 31.12 -2.55 -14.63
CA ASP A 300 31.37 -1.40 -15.51
C ASP A 300 30.39 -0.20 -15.37
N LEU A 301 29.76 -0.05 -14.20
CA LEU A 301 28.89 1.10 -13.95
C LEU A 301 29.70 2.38 -14.05
N PRO A 302 29.21 3.38 -14.82
CA PRO A 302 30.02 4.56 -15.08
C PRO A 302 30.15 5.48 -13.88
N ALA A 303 31.29 6.17 -13.80
CA ALA A 303 31.49 7.24 -12.83
C ALA A 303 30.64 8.41 -13.26
N LEU A 304 30.03 9.12 -12.30
CA LEU A 304 29.05 10.17 -12.60
C LEU A 304 29.51 11.60 -12.32
N ALA A 305 30.65 11.77 -11.64
CA ALA A 305 31.18 13.10 -11.34
C ALA A 305 31.51 13.85 -12.63
N ALA A 306 32.25 13.18 -13.52
CA ALA A 306 32.57 13.70 -14.85
C ALA A 306 31.39 14.38 -15.56
N ASP A 307 30.26 13.67 -15.61
CA ASP A 307 29.10 14.11 -16.40
C ASP A 307 28.19 15.08 -15.64
N PHE A 308 27.86 14.72 -14.40
CA PHE A 308 26.86 15.44 -13.60
C PHE A 308 27.41 16.45 -12.63
N ALA A 309 28.73 16.47 -12.45
CA ALA A 309 29.37 17.43 -11.52
C ALA A 309 30.49 18.27 -12.15
N GLU A 310 31.38 17.64 -12.90
CA GLU A 310 32.60 18.29 -13.40
C GLU A 310 32.44 18.99 -14.75
N ASP A 311 31.56 18.47 -15.61
CA ASP A 311 31.36 19.02 -16.97
C ASP A 311 31.00 20.51 -16.94
N LYS A 312 31.57 21.26 -17.87
CA LYS A 312 31.46 22.74 -17.90
C LYS A 312 30.14 23.26 -18.47
N GLU A 313 29.46 22.46 -19.29
CA GLU A 313 28.25 22.89 -19.99
C GLU A 313 26.98 22.18 -19.45
N ILE A 314 26.95 21.90 -18.16
CA ILE A 314 25.79 21.25 -17.52
C ILE A 314 24.58 22.18 -17.52
N CYS A 315 24.80 23.43 -17.15
CA CYS A 315 23.75 24.48 -17.17
C CYS A 315 23.11 24.67 -18.55
N LYS A 316 23.89 24.48 -19.60
CA LYS A 316 23.38 24.45 -20.97
C LYS A 316 22.51 23.22 -21.21
N HIS A 317 23.05 22.05 -20.87
CA HIS A 317 22.36 20.76 -21.07
C HIS A 317 21.09 20.59 -20.23
N TYR A 318 21.11 21.19 -19.03
CA TYR A 318 19.96 21.19 -18.13
C TYR A 318 18.83 22.03 -18.72
N LYS A 319 19.13 23.28 -19.05
CA LYS A 319 18.13 24.23 -19.58
C LYS A 319 17.50 23.82 -20.92
N ASP A 320 18.20 23.01 -21.72
CA ASP A 320 17.64 22.49 -22.97
C ASP A 320 16.46 21.55 -22.73
N ALA A 321 16.69 20.54 -21.91
CA ALA A 321 15.67 19.56 -21.51
C ALA A 321 15.86 19.16 -20.06
N LYS A 322 15.15 19.85 -19.17
CA LYS A 322 15.31 19.69 -17.70
C LYS A 322 14.91 18.29 -17.22
N ASP A 323 13.70 17.87 -17.61
CA ASP A 323 13.15 16.57 -17.22
C ASP A 323 13.95 15.38 -17.77
N VAL A 324 14.56 15.57 -18.94
CA VAL A 324 15.39 14.55 -19.58
C VAL A 324 16.73 14.40 -18.85
N PHE A 325 17.35 15.53 -18.52
CA PHE A 325 18.64 15.55 -17.81
C PHE A 325 18.54 14.97 -16.38
N LEU A 326 17.49 15.35 -15.66
CA LEU A 326 17.21 14.83 -14.32
C LEU A 326 16.82 13.36 -14.31
N GLY A 327 16.04 12.96 -15.30
CA GLY A 327 15.66 11.55 -15.51
C GLY A 327 16.89 10.68 -15.67
N THR A 328 17.86 11.16 -16.45
CA THR A 328 19.14 10.46 -16.67
C THR A 328 19.94 10.34 -15.39
N PHE A 329 20.09 11.47 -14.69
CA PHE A 329 20.76 11.49 -13.38
C PHE A 329 20.13 10.46 -12.45
N LEU A 330 18.81 10.54 -12.32
CA LEU A 330 18.04 9.64 -11.46
C LEU A 330 18.23 8.17 -11.84
N TYR A 331 18.12 7.88 -13.13
CA TYR A 331 18.41 6.54 -13.67
C TYR A 331 19.80 6.06 -13.25
N GLU A 332 20.81 6.87 -13.52
CA GLU A 332 22.21 6.50 -13.27
C GLU A 332 22.55 6.37 -11.78
N TYR A 333 22.07 7.32 -10.99
CA TYR A 333 22.33 7.32 -9.54
C TYR A 333 21.57 6.23 -8.80
N SER A 334 20.42 5.83 -9.34
CA SER A 334 19.61 4.75 -8.76
C SER A 334 20.19 3.36 -9.05
N ARG A 335 20.79 3.17 -10.22
CA ARG A 335 21.48 1.91 -10.59
C ARG A 335 22.55 1.52 -9.57
N ARG A 336 23.39 2.49 -9.23
CA ARG A 336 24.50 2.30 -8.29
C ARG A 336 24.14 2.36 -6.79
N HIS A 337 22.85 2.50 -6.47
CA HIS A 337 22.38 2.51 -5.08
C HIS A 337 21.14 1.64 -4.82
N PRO A 338 21.33 0.31 -4.79
CA PRO A 338 20.31 -0.56 -4.21
C PRO A 338 20.22 -0.39 -2.69
N ASP A 339 21.30 0.08 -2.08
CA ASP A 339 21.36 0.40 -0.65
C ASP A 339 20.60 1.66 -0.21
N TYR A 340 20.10 2.46 -1.14
CA TYR A 340 19.22 3.59 -0.80
C TYR A 340 17.76 3.24 -1.06
N SER A 341 16.87 3.91 -0.33
CA SER A 341 15.43 3.77 -0.54
C SER A 341 14.99 4.59 -1.74
N VAL A 342 13.77 4.35 -2.19
CA VAL A 342 13.25 5.04 -3.37
C VAL A 342 13.04 6.53 -3.09
N SER A 343 12.41 6.84 -1.96
CA SER A 343 12.18 8.24 -1.56
C SER A 343 13.48 9.02 -1.35
N LEU A 344 14.52 8.35 -0.85
CA LEU A 344 15.85 8.96 -0.66
C LEU A 344 16.48 9.36 -2.00
N LEU A 345 16.40 8.46 -2.98
CA LEU A 345 16.89 8.74 -4.34
C LEU A 345 16.18 9.93 -5.02
N LEU A 346 14.87 10.04 -4.81
CA LEU A 346 14.09 11.19 -5.29
C LEU A 346 14.41 12.48 -4.56
N ARG A 347 14.66 12.39 -3.25
CA ARG A 347 15.16 13.52 -2.46
C ARG A 347 16.52 14.00 -2.99
N ILE A 348 17.41 13.05 -3.26
CA ILE A 348 18.71 13.32 -3.87
C ILE A 348 18.56 13.98 -5.26
N ALA A 349 17.60 13.50 -6.04
CA ALA A 349 17.31 14.05 -7.37
C ALA A 349 16.74 15.47 -7.28
N LYS A 350 15.83 15.70 -6.34
CA LYS A 350 15.31 17.05 -6.06
C LYS A 350 16.39 18.01 -5.58
N THR A 351 17.34 17.49 -4.80
CA THR A 351 18.48 18.27 -4.34
C THR A 351 19.43 18.60 -5.49
N TYR A 352 19.59 17.66 -6.42
CA TYR A 352 20.41 17.88 -7.60
C TYR A 352 19.82 18.97 -8.50
N GLU A 353 18.52 18.87 -8.77
CA GLU A 353 17.76 19.88 -9.50
C GLU A 353 17.92 21.26 -8.86
N ALA A 354 17.65 21.32 -7.55
CA ALA A 354 17.75 22.57 -6.78
C ALA A 354 19.12 23.23 -6.89
N THR A 355 20.18 22.43 -6.88
CA THR A 355 21.55 22.94 -7.01
C THR A 355 21.77 23.56 -8.39
N LEU A 356 21.32 22.88 -9.43
CA LEU A 356 21.42 23.42 -10.80
C LEU A 356 20.56 24.68 -10.99
N GLU A 357 19.36 24.70 -10.43
CA GLU A 357 18.52 25.91 -10.45
C GLU A 357 19.23 27.11 -9.82
N LYS A 358 19.88 26.88 -8.67
CA LYS A 358 20.62 27.92 -7.96
C LYS A 358 21.90 28.32 -8.70
N CYS A 359 22.76 27.34 -8.96
CA CYS A 359 24.10 27.58 -9.51
C CYS A 359 24.14 28.15 -10.93
N CYS A 360 23.13 27.85 -11.74
CA CYS A 360 23.06 28.35 -13.11
C CYS A 360 22.41 29.74 -13.23
N ALA A 361 22.05 30.34 -12.10
CA ALA A 361 21.74 31.78 -11.99
C ALA A 361 22.96 32.61 -11.55
N GLU A 362 23.88 31.99 -10.80
CA GLU A 362 25.10 32.65 -10.32
C GLU A 362 26.13 32.89 -11.45
N ALA A 363 27.13 33.71 -11.13
CA ALA A 363 28.13 34.19 -12.11
C ALA A 363 29.08 33.11 -12.65
N ASP A 364 29.63 32.29 -11.75
CA ASP A 364 30.50 31.15 -12.09
C ASP A 364 29.80 29.84 -11.71
N PRO A 365 29.01 29.26 -12.63
CA PRO A 365 28.29 28.02 -12.27
C PRO A 365 29.16 26.79 -11.95
N PRO A 366 30.19 26.47 -12.77
CA PRO A 366 30.99 25.25 -12.51
C PRO A 366 31.51 25.06 -11.08
N ALA A 367 32.07 26.12 -10.49
CA ALA A 367 32.56 26.09 -9.10
C ALA A 367 31.45 25.93 -8.06
N CYS A 368 30.25 26.41 -8.38
CA CYS A 368 29.08 26.27 -7.53
C CYS A 368 28.57 24.82 -7.46
N TYR A 369 28.26 24.25 -8.63
CA TYR A 369 27.76 22.86 -8.71
C TYR A 369 28.83 21.76 -8.67
N ARG A 370 30.11 22.14 -8.57
CA ARG A 370 31.21 21.17 -8.45
C ARG A 370 31.09 20.26 -7.23
N THR A 371 30.50 20.79 -6.16
CA THR A 371 30.26 20.07 -4.91
C THR A 371 28.81 19.58 -4.74
N VAL A 372 28.13 19.31 -5.85
CA VAL A 372 26.71 18.92 -5.81
C VAL A 372 26.49 17.54 -5.17
N PHE A 373 27.40 16.60 -5.41
CA PHE A 373 27.27 15.25 -4.82
C PHE A 373 27.47 15.25 -3.31
N ASP A 374 28.30 16.17 -2.82
CA ASP A 374 28.53 16.33 -1.38
C ASP A 374 27.34 16.93 -0.62
N GLN A 375 26.42 17.58 -1.34
CA GLN A 375 25.13 17.99 -0.78
C GLN A 375 24.24 16.80 -0.38
N PHE A 376 24.48 15.64 -0.99
CA PHE A 376 23.72 14.42 -0.70
C PHE A 376 24.06 13.78 0.65
N THR A 377 25.29 13.97 1.13
CA THR A 377 25.74 13.32 2.38
C THR A 377 24.73 13.44 3.54
N PRO A 378 24.32 14.66 3.92
CA PRO A 378 23.35 14.77 5.02
C PRO A 378 21.97 14.14 4.74
N LEU A 379 21.55 14.09 3.48
CA LEU A 379 20.32 13.39 3.09
C LEU A 379 20.41 11.88 3.26
N VAL A 380 21.61 11.34 3.10
CA VAL A 380 21.87 9.90 3.28
C VAL A 380 22.04 9.53 4.75
N GLU A 381 22.73 10.37 5.54
CA GLU A 381 23.00 10.04 6.95
C GLU A 381 21.77 10.07 7.87
N GLU A 382 20.84 10.99 7.65
CA GLU A 382 19.63 11.10 8.49
C GLU A 382 18.82 9.80 8.57
N PRO A 383 18.30 9.31 7.42
CA PRO A 383 17.54 8.05 7.45
C PRO A 383 18.36 6.80 7.82
N LYS A 384 19.67 6.81 7.60
CA LYS A 384 20.56 5.69 8.01
C LYS A 384 20.60 5.50 9.52
N SER A 385 20.79 6.59 10.25
CA SER A 385 20.86 6.55 11.71
C SER A 385 19.47 6.48 12.37
N LEU A 386 18.43 6.97 11.69
CA LEU A 386 17.03 6.72 12.10
C LEU A 386 16.67 5.23 12.02
N VAL A 387 17.13 4.55 10.98
CA VAL A 387 16.96 3.10 10.83
C VAL A 387 17.75 2.34 11.91
N LYS A 388 19.00 2.73 12.13
CA LYS A 388 19.84 2.14 13.17
C LYS A 388 19.22 2.29 14.57
N LYS A 389 18.82 3.53 14.89
CA LYS A 389 18.14 3.87 16.15
C LYS A 389 16.85 3.05 16.40
N ASN A 390 16.01 2.93 15.37
CA ASN A 390 14.75 2.18 15.49
C ASN A 390 14.98 0.66 15.52
N CYS A 391 15.95 0.16 14.75
CA CYS A 391 16.30 -1.27 14.78
C CYS A 391 17.01 -1.67 16.08
N ASP A 392 17.84 -0.78 16.62
CA ASP A 392 18.45 -0.99 17.94
C ASP A 392 17.37 -1.16 18.99
N LEU A 393 16.38 -0.27 18.96
CA LEU A 393 15.24 -0.33 19.88
C LEU A 393 14.40 -1.58 19.66
N PHE A 394 14.12 -1.90 18.39
CA PHE A 394 13.29 -3.05 18.05
C PHE A 394 13.87 -4.37 18.58
N GLU A 395 15.17 -4.58 18.35
CA GLU A 395 15.84 -5.82 18.73
C GLU A 395 16.00 -5.96 20.26
N GLU A 396 16.03 -4.84 20.96
CA GLU A 396 16.03 -4.80 22.41
C GLU A 396 14.67 -5.26 22.97
N VAL A 397 13.59 -4.57 22.58
CA VAL A 397 12.27 -4.72 23.25
C VAL A 397 11.23 -5.63 22.57
N GLY A 398 11.45 -6.00 21.32
CA GLY A 398 10.50 -6.84 20.57
C GLY A 398 9.39 -6.06 19.90
N GLU A 399 8.53 -6.76 19.15
CA GLU A 399 7.53 -6.10 18.30
C GLU A 399 6.45 -5.33 19.06
N TYR A 400 5.95 -5.90 20.16
CA TYR A 400 4.86 -5.29 20.93
C TYR A 400 5.24 -3.94 21.54
N ASP A 401 6.37 -3.90 22.23
CA ASP A 401 6.85 -2.66 22.85
C ASP A 401 7.37 -1.64 21.83
N PHE A 402 7.93 -2.13 20.73
CA PHE A 402 8.33 -1.25 19.62
C PHE A 402 7.11 -0.58 18.97
N GLN A 403 6.04 -1.37 18.81
CA GLN A 403 4.74 -0.85 18.38
C GLN A 403 4.21 0.20 19.36
N ASN A 404 4.35 -0.07 20.66
CA ASN A 404 3.91 0.88 21.70
C ASN A 404 4.70 2.18 21.67
N ALA A 405 6.01 2.08 21.45
CA ALA A 405 6.89 3.25 21.30
C ALA A 405 6.46 4.14 20.12
N LEU A 406 6.00 3.53 19.04
CA LEU A 406 5.53 4.26 17.86
C LEU A 406 4.13 4.83 18.03
N ILE A 407 3.26 4.12 18.76
CA ILE A 407 1.91 4.61 19.05
C ILE A 407 2.02 5.88 19.91
N VAL A 408 2.90 5.84 20.91
CA VAL A 408 3.19 7.02 21.73
C VAL A 408 3.76 8.14 20.86
N ARG A 409 4.76 7.79 20.06
CA ARG A 409 5.44 8.75 19.18
C ARG A 409 4.43 9.48 18.29
N TYR A 410 3.53 8.73 17.66
CA TYR A 410 2.55 9.29 16.70
C TYR A 410 1.28 9.91 17.31
N THR A 411 0.82 9.39 18.45
CA THR A 411 -0.27 10.03 19.18
C THR A 411 0.14 11.43 19.68
N LYS A 412 1.40 11.59 20.07
CA LYS A 412 1.95 12.91 20.38
C LYS A 412 1.97 13.85 19.17
N LYS A 413 2.37 13.30 18.02
CA LYS A 413 2.41 14.07 16.77
C LYS A 413 1.04 14.48 16.25
N ALA A 414 0.05 13.63 16.50
CA ALA A 414 -1.29 13.80 15.96
C ALA A 414 -2.33 13.24 16.94
N PRO A 415 -2.50 13.89 18.10
CA PRO A 415 -3.43 13.40 19.13
C PRO A 415 -4.91 13.48 18.74
N GLN A 416 -5.22 14.34 17.78
CA GLN A 416 -6.59 14.53 17.32
C GLN A 416 -7.07 13.35 16.45
N VAL A 417 -6.14 12.58 15.89
CA VAL A 417 -6.48 11.38 15.09
C VAL A 417 -7.13 10.32 15.98
N SER A 418 -8.04 9.53 15.40
CA SER A 418 -8.79 8.52 16.15
C SER A 418 -7.88 7.41 16.68
N THR A 419 -8.25 6.86 17.83
CA THR A 419 -7.46 5.81 18.49
C THR A 419 -7.31 4.56 17.61
N PRO A 420 -8.41 4.09 16.98
CA PRO A 420 -8.28 2.96 16.06
C PRO A 420 -7.27 3.16 14.92
N THR A 421 -7.26 4.36 14.33
CA THR A 421 -6.27 4.70 13.28
C THR A 421 -4.85 4.67 13.85
N LEU A 422 -4.64 5.44 14.93
CA LEU A 422 -3.33 5.53 15.59
C LEU A 422 -2.77 4.16 15.95
N VAL A 423 -3.62 3.31 16.55
CA VAL A 423 -3.25 1.93 16.87
C VAL A 423 -2.86 1.13 15.61
N GLU A 424 -3.66 1.25 14.56
CA GLU A 424 -3.41 0.52 13.30
C GLU A 424 -2.07 0.93 12.66
N ILE A 425 -1.83 2.23 12.56
CA ILE A 425 -0.61 2.78 11.96
C ILE A 425 0.61 2.42 12.79
N GLY A 426 0.50 2.58 14.11
CA GLY A 426 1.57 2.21 15.04
C GLY A 426 1.93 0.74 14.99
N ARG A 427 0.93 -0.12 14.85
CA ARG A 427 1.14 -1.56 14.69
C ARG A 427 1.79 -1.91 13.37
N THR A 428 1.37 -1.24 12.29
CA THR A 428 1.95 -1.44 10.95
C THR A 428 3.42 -0.97 10.90
N LEU A 429 3.71 0.17 11.53
CA LEU A 429 5.08 0.67 11.62
C LEU A 429 5.98 -0.32 12.38
N GLY A 430 5.45 -0.98 13.40
CA GLY A 430 6.17 -2.04 14.12
C GLY A 430 6.46 -3.29 13.31
N LYS A 431 5.58 -3.63 12.37
CA LYS A 431 5.84 -4.70 11.37
C LYS A 431 7.07 -4.40 10.51
N VAL A 432 7.31 -3.11 10.24
CA VAL A 432 8.50 -2.68 9.49
C VAL A 432 9.76 -3.09 10.25
N GLY A 433 9.73 -2.99 11.58
CA GLY A 433 10.77 -3.51 12.44
C GLY A 433 11.02 -5.00 12.22
N SER A 434 9.95 -5.78 12.26
CA SER A 434 10.02 -7.23 12.06
C SER A 434 10.58 -7.62 10.69
N ARG A 435 10.08 -6.99 9.64
CA ARG A 435 10.44 -7.36 8.26
C ARG A 435 11.84 -6.90 7.80
N CYS A 436 12.34 -5.81 8.38
CA CYS A 436 13.55 -5.15 7.88
C CYS A 436 14.79 -5.28 8.77
N CYS A 437 14.63 -5.29 10.09
CA CYS A 437 15.79 -5.32 10.98
C CYS A 437 16.58 -6.63 10.98
N LYS A 438 15.90 -7.75 10.73
CA LYS A 438 16.59 -9.04 10.58
C LYS A 438 17.47 -9.10 9.33
N LEU A 439 17.12 -8.33 8.29
CA LEU A 439 17.83 -8.35 7.01
C LEU A 439 19.29 -7.89 7.15
N PRO A 440 20.15 -8.28 6.19
CA PRO A 440 21.50 -7.72 6.11
C PRO A 440 21.49 -6.20 6.14
N GLU A 441 22.42 -5.63 6.89
CA GLU A 441 22.42 -4.20 7.25
C GLU A 441 22.36 -3.23 6.07
N SER A 442 22.92 -3.62 4.92
CA SER A 442 22.85 -2.81 3.69
C SER A 442 21.42 -2.65 3.17
N GLU A 443 20.62 -3.70 3.33
CA GLU A 443 19.23 -3.74 2.87
C GLU A 443 18.20 -3.13 3.84
N ARG A 444 18.63 -2.76 5.04
CA ARG A 444 17.73 -2.20 6.06
C ARG A 444 17.08 -0.89 5.64
N LEU A 445 17.89 0.04 5.13
CA LEU A 445 17.43 1.35 4.70
C LEU A 445 16.37 1.28 3.59
N PRO A 446 16.67 0.57 2.47
CA PRO A 446 15.62 0.48 1.44
C PRO A 446 14.36 -0.20 1.95
N CYS A 447 14.50 -1.32 2.68
CA CYS A 447 13.36 -2.03 3.26
C CYS A 447 12.52 -1.13 4.15
N SER A 448 13.18 -0.43 5.07
CA SER A 448 12.49 0.41 6.05
C SER A 448 11.67 1.52 5.39
N GLU A 449 12.34 2.39 4.64
CA GLU A 449 11.70 3.57 4.05
C GLU A 449 10.64 3.25 3.01
N ASN A 450 10.89 2.22 2.20
CA ASN A 450 9.92 1.73 1.23
C ASN A 450 8.64 1.23 1.91
N HIS A 451 8.81 0.48 2.99
CA HIS A 451 7.66 0.01 3.79
C HIS A 451 7.02 1.09 4.63
N LEU A 452 7.81 2.06 5.09
CA LEU A 452 7.27 3.27 5.73
C LEU A 452 6.39 4.07 4.79
N ALA A 453 6.77 4.15 3.51
CA ALA A 453 5.96 4.81 2.49
C ALA A 453 4.57 4.18 2.40
N LEU A 454 4.50 2.86 2.53
CA LEU A 454 3.22 2.14 2.56
C LEU A 454 2.42 2.48 3.81
N ALA A 455 3.08 2.37 4.97
CA ALA A 455 2.47 2.68 6.26
C ALA A 455 1.95 4.12 6.34
N LEU A 456 2.76 5.07 5.86
CA LEU A 456 2.39 6.50 5.90
C LEU A 456 1.34 6.88 4.87
N ASN A 457 1.39 6.28 3.68
CA ASN A 457 0.33 6.50 2.69
C ASN A 457 -1.02 5.99 3.19
N ARG A 458 -1.01 4.86 3.89
CA ARG A 458 -2.21 4.33 4.55
C ARG A 458 -2.78 5.38 5.50
N LEU A 459 -1.92 5.93 6.37
CA LEU A 459 -2.32 7.00 7.29
C LEU A 459 -2.90 8.19 6.53
N CYS A 460 -2.24 8.58 5.44
CA CYS A 460 -2.70 9.69 4.59
C CYS A 460 -4.04 9.41 3.92
N VAL A 461 -4.26 8.16 3.50
CA VAL A 461 -5.53 7.74 2.90
C VAL A 461 -6.64 7.82 3.93
N LEU A 462 -6.39 7.30 5.13
CA LEU A 462 -7.35 7.40 6.23
C LEU A 462 -7.63 8.85 6.63
N HIS A 463 -6.61 9.70 6.50
CA HIS A 463 -6.73 11.11 6.82
C HIS A 463 -7.58 11.91 5.82
N GLU A 464 -7.58 11.51 4.55
CA GLU A 464 -8.51 12.08 3.57
C GLU A 464 -9.96 11.80 3.99
N LYS A 465 -10.22 10.58 4.45
CA LYS A 465 -11.54 10.14 4.89
C LYS A 465 -12.04 10.94 6.11
N THR A 466 -11.15 11.11 7.09
CA THR A 466 -11.45 11.88 8.30
C THR A 466 -10.35 12.92 8.56
N PRO A 467 -10.46 14.11 7.95
CA PRO A 467 -9.47 15.16 8.18
C PRO A 467 -9.57 15.74 9.58
N VAL A 468 -8.41 15.93 10.19
CA VAL A 468 -8.27 16.18 11.61
C VAL A 468 -7.14 17.18 11.92
N SER A 469 -5.94 16.86 11.47
CA SER A 469 -4.73 17.66 11.71
C SER A 469 -4.25 18.35 10.43
N GLU A 470 -4.00 19.65 10.50
CA GLU A 470 -3.42 20.42 9.38
C GLU A 470 -1.97 20.02 9.09
N LYS A 471 -1.25 19.62 10.14
CA LYS A 471 0.13 19.16 10.00
C LYS A 471 0.24 17.87 9.19
N ILE A 472 -0.70 16.94 9.41
CA ILE A 472 -0.78 15.71 8.61
C ILE A 472 -1.14 16.05 7.15
N THR A 473 -2.13 16.92 6.96
CA THR A 473 -2.51 17.36 5.61
C THR A 473 -1.31 17.87 4.84
N LYS A 474 -0.46 18.67 5.50
CA LYS A 474 0.72 19.23 4.86
C LYS A 474 1.71 18.14 4.43
N CYS A 475 2.11 17.31 5.38
CA CYS A 475 2.99 16.17 5.11
C CYS A 475 2.45 15.23 4.02
N CYS A 476 1.15 14.99 4.02
CA CYS A 476 0.53 14.06 3.07
C CYS A 476 0.40 14.62 1.66
N THR A 477 0.33 15.94 1.55
CA THR A 477 0.01 16.61 0.27
C THR A 477 1.06 17.53 -0.34
N ASP A 478 2.05 17.97 0.44
CA ASP A 478 3.07 18.90 -0.06
C ASP A 478 4.09 18.26 -1.00
N SER A 479 4.55 17.06 -0.66
CA SER A 479 5.62 16.40 -1.41
C SER A 479 5.67 14.92 -1.10
N LEU A 480 5.77 14.11 -2.16
CA LEU A 480 5.82 12.66 -2.04
C LEU A 480 7.16 12.18 -1.52
N ALA A 481 8.24 12.79 -2.00
CA ALA A 481 9.60 12.41 -1.59
C ALA A 481 9.93 12.84 -0.16
N GLU A 482 9.36 13.97 0.27
CA GLU A 482 9.60 14.54 1.61
C GLU A 482 8.65 14.04 2.70
N ARG A 483 7.69 13.17 2.36
CA ARG A 483 6.70 12.64 3.33
C ARG A 483 7.28 12.12 4.62
N ARG A 484 8.18 11.15 4.50
CA ARG A 484 8.70 10.46 5.66
C ARG A 484 9.51 11.43 6.53
N PRO A 485 10.45 12.21 5.93
CA PRO A 485 11.10 13.26 6.72
C PRO A 485 10.15 14.30 7.34
N CYS A 486 9.06 14.62 6.64
CA CYS A 486 8.03 15.53 7.15
C CYS A 486 7.34 14.98 8.39
N PHE A 487 6.89 13.74 8.31
CA PHE A 487 6.32 13.04 9.46
C PHE A 487 7.30 12.94 10.62
N SER A 488 8.56 12.62 10.32
CA SER A 488 9.61 12.57 11.35
C SER A 488 9.81 13.92 12.05
N ALA A 489 9.73 15.00 11.28
CA ALA A 489 9.92 16.36 11.79
C ALA A 489 8.79 16.89 12.68
N LEU A 490 7.66 16.18 12.72
CA LEU A 490 6.56 16.54 13.63
C LEU A 490 6.91 16.28 15.08
N GLU A 491 6.42 17.16 15.95
CA GLU A 491 6.47 16.96 17.39
C GLU A 491 5.10 17.31 17.98
N LEU A 492 4.95 17.06 19.28
CA LEU A 492 3.75 17.46 20.01
C LEU A 492 3.52 18.96 19.88
N ASP A 493 2.32 19.34 19.44
CA ASP A 493 1.92 20.75 19.42
C ASP A 493 1.28 21.09 20.78
N GLU A 494 1.68 22.22 21.35
CA GLU A 494 1.10 22.72 22.61
C GLU A 494 -0.37 23.19 22.45
N GLY A 495 -0.75 23.53 21.22
CA GLY A 495 -2.13 23.93 20.89
C GLY A 495 -3.22 22.89 21.15
N TYR A 496 -2.84 21.61 21.18
CA TYR A 496 -3.79 20.54 21.55
C TYR A 496 -4.19 20.63 23.02
N VAL A 497 -5.49 20.57 23.28
CA VAL A 497 -6.04 20.63 24.63
C VAL A 497 -6.18 19.19 25.14
N PRO A 498 -5.45 18.83 26.23
CA PRO A 498 -5.51 17.47 26.79
C PRO A 498 -6.93 16.94 26.99
N LYS A 499 -7.15 15.70 26.59
CA LYS A 499 -8.47 15.07 26.59
C LYS A 499 -8.96 14.85 28.03
N GLU A 500 -10.26 15.02 28.24
CA GLU A 500 -10.86 14.99 29.58
C GLU A 500 -10.98 13.56 30.08
N PHE A 501 -10.74 13.36 31.37
CA PHE A 501 -10.64 12.01 31.94
C PHE A 501 -11.99 11.34 32.17
N LYS A 502 -12.49 10.67 31.13
CA LYS A 502 -13.65 9.80 31.24
C LYS A 502 -13.21 8.45 31.81
N ALA A 503 -13.84 8.02 32.89
CA ALA A 503 -13.50 6.76 33.58
C ALA A 503 -13.67 5.51 32.69
N GLU A 504 -14.72 5.48 31.87
CA GLU A 504 -15.03 4.35 31.00
C GLU A 504 -13.97 4.03 29.93
N THR A 505 -13.16 5.04 29.57
CA THR A 505 -12.11 4.91 28.56
C THR A 505 -11.02 3.88 28.91
N PHE A 506 -10.70 3.75 30.19
CA PHE A 506 -9.67 2.81 30.68
C PHE A 506 -10.25 1.68 31.53
N THR A 507 -11.48 1.27 31.19
CA THR A 507 -12.23 0.30 31.97
C THR A 507 -12.24 -1.05 31.26
N PHE A 508 -11.48 -1.99 31.83
CA PHE A 508 -11.36 -3.34 31.30
C PHE A 508 -12.30 -4.28 32.06
N HIS A 509 -12.71 -5.36 31.40
CA HIS A 509 -13.59 -6.38 31.97
C HIS A 509 -13.15 -7.76 31.52
N ALA A 510 -13.75 -8.80 32.12
CA ALA A 510 -13.38 -10.20 31.90
C ALA A 510 -13.29 -10.66 30.43
N ASP A 511 -14.13 -10.09 29.57
CA ASP A 511 -14.16 -10.44 28.13
C ASP A 511 -12.79 -10.42 27.42
N ILE A 512 -11.88 -9.55 27.86
CA ILE A 512 -10.52 -9.47 27.34
C ILE A 512 -9.73 -10.80 27.44
N CYS A 513 -9.98 -11.56 28.50
CA CYS A 513 -9.23 -12.78 28.77
C CYS A 513 -9.44 -13.86 27.72
N THR A 514 -10.68 -13.96 27.22
CA THR A 514 -11.04 -14.92 26.18
C THR A 514 -10.43 -14.60 24.80
N LEU A 515 -10.15 -13.32 24.55
CA LEU A 515 -9.61 -12.85 23.25
C LEU A 515 -8.24 -13.44 22.93
N PRO A 516 -7.89 -13.52 21.62
CA PRO A 516 -6.53 -13.93 21.23
C PRO A 516 -5.48 -12.87 21.55
N GLU A 517 -4.21 -13.20 21.29
CA GLU A 517 -3.07 -12.40 21.73
C GLU A 517 -3.04 -10.98 21.13
N ASP A 518 -3.18 -10.90 19.81
CA ASP A 518 -3.19 -9.60 19.12
C ASP A 518 -4.40 -8.71 19.46
N GLU A 519 -5.53 -9.35 19.79
CA GLU A 519 -6.73 -8.62 20.21
C GLU A 519 -6.65 -8.10 21.66
N LYS A 520 -5.95 -8.83 22.53
CA LYS A 520 -5.55 -8.31 23.84
C LYS A 520 -4.65 -7.09 23.70
N GLN A 521 -3.63 -7.21 22.85
CA GLN A 521 -2.68 -6.14 22.59
C GLN A 521 -3.35 -4.87 22.06
N ILE A 522 -4.23 -5.02 21.08
CA ILE A 522 -4.98 -3.90 20.52
C ILE A 522 -5.84 -3.18 21.57
N LYS A 523 -6.43 -3.94 22.50
CA LYS A 523 -7.19 -3.37 23.63
C LYS A 523 -6.30 -2.52 24.55
N LYS A 524 -5.14 -3.07 24.89
CA LYS A 524 -4.15 -2.36 25.71
C LYS A 524 -3.55 -1.15 24.98
N GLN A 525 -3.28 -1.34 23.68
CA GLN A 525 -2.71 -0.29 22.84
C GLN A 525 -3.69 0.85 22.55
N SER A 526 -4.98 0.54 22.49
CA SER A 526 -6.01 1.57 22.43
C SER A 526 -5.93 2.42 23.69
N ALA A 527 -5.84 1.75 24.84
CA ALA A 527 -5.69 2.42 26.13
C ALA A 527 -4.42 3.26 26.19
N LEU A 528 -3.32 2.71 25.67
CA LEU A 528 -2.05 3.45 25.55
C LEU A 528 -2.21 4.80 24.83
N ALA A 529 -2.85 4.76 23.67
CA ALA A 529 -3.15 5.97 22.89
C ALA A 529 -4.03 6.96 23.65
N GLU A 530 -5.03 6.42 24.36
CA GLU A 530 -5.93 7.25 25.19
C GLU A 530 -5.20 7.91 26.36
N LEU A 531 -4.20 7.21 26.91
CA LEU A 531 -3.33 7.79 27.94
C LEU A 531 -2.52 8.99 27.41
N VAL A 532 -1.96 8.87 26.21
CA VAL A 532 -1.19 9.97 25.59
C VAL A 532 -2.11 11.15 25.26
N LYS A 533 -3.33 10.86 24.80
CA LYS A 533 -4.32 11.92 24.54
C LYS A 533 -4.73 12.70 25.80
N HIS A 534 -4.82 12.03 26.95
CA HIS A 534 -5.12 12.70 28.23
C HIS A 534 -3.91 13.40 28.87
N LYS A 535 -2.71 12.82 28.72
CA LYS A 535 -1.46 13.38 29.23
C LYS A 535 -0.41 13.49 28.11
N PRO A 536 -0.58 14.47 27.20
CA PRO A 536 0.37 14.71 26.10
C PRO A 536 1.83 14.79 26.52
N LYS A 537 2.09 15.49 27.63
CA LYS A 537 3.46 15.78 28.08
C LYS A 537 4.13 14.66 28.87
N ALA A 538 3.40 13.59 29.18
CA ALA A 538 4.00 12.42 29.82
C ALA A 538 5.14 11.88 28.97
N THR A 539 6.28 11.60 29.60
CA THR A 539 7.42 11.04 28.88
C THR A 539 7.07 9.62 28.44
N LYS A 540 7.66 9.18 27.33
CA LYS A 540 7.50 7.81 26.85
C LYS A 540 7.81 6.76 27.93
N GLU A 541 8.78 7.08 28.79
CA GLU A 541 9.20 6.19 29.88
C GLU A 541 8.15 6.10 31.01
N GLN A 542 7.45 7.21 31.27
CA GLN A 542 6.28 7.21 32.16
C GLN A 542 5.17 6.32 31.62
N LEU A 543 4.86 6.46 30.34
CA LEU A 543 3.80 5.68 29.69
C LEU A 543 4.09 4.18 29.69
N LYS A 544 5.35 3.80 29.44
CA LYS A 544 5.77 2.40 29.49
C LYS A 544 5.55 1.76 30.86
N THR A 545 5.90 2.49 31.91
CA THR A 545 5.63 2.10 33.29
C THR A 545 4.14 1.86 33.53
N VAL A 546 3.32 2.82 33.09
CA VAL A 546 1.88 2.78 33.30
C VAL A 546 1.22 1.64 32.52
N LEU A 547 1.61 1.43 31.28
CA LEU A 547 1.01 0.34 30.48
C LEU A 547 1.44 -1.04 30.98
N GLY A 548 2.63 -1.12 31.55
CA GLY A 548 3.07 -2.32 32.26
C GLY A 548 2.14 -2.66 33.41
N ASN A 549 1.77 -1.65 34.19
CA ASN A 549 0.79 -1.81 35.28
C ASN A 549 -0.58 -2.27 34.79
N PHE A 550 -0.99 -1.79 33.60
CA PHE A 550 -2.20 -2.28 32.93
C PHE A 550 -2.07 -3.76 32.54
N SER A 551 -0.98 -4.11 31.86
CA SER A 551 -0.73 -5.50 31.45
C SER A 551 -0.74 -6.49 32.62
N ALA A 552 -0.03 -6.11 33.70
CA ALA A 552 0.02 -6.88 34.95
C ALA A 552 -1.37 -7.10 35.53
N PHE A 553 -2.09 -6.00 35.67
CA PHE A 553 -3.49 -5.98 36.11
C PHE A 553 -4.39 -6.91 35.29
N VAL A 554 -4.19 -6.92 33.97
CA VAL A 554 -4.95 -7.79 33.08
C VAL A 554 -4.59 -9.25 33.32
N ALA A 555 -3.29 -9.54 33.30
CA ALA A 555 -2.76 -10.89 33.62
C ALA A 555 -3.21 -11.43 34.98
N LYS A 556 -3.22 -10.56 35.97
CA LYS A 556 -3.62 -10.88 37.34
C LYS A 556 -5.10 -11.29 37.43
N CYS A 557 -5.97 -10.44 36.88
CA CYS A 557 -7.42 -10.67 36.96
C CYS A 557 -7.91 -11.77 36.02
N CYS A 558 -7.21 -11.99 34.91
CA CYS A 558 -7.51 -13.13 34.03
C CYS A 558 -7.19 -14.48 34.68
N GLY A 559 -6.25 -14.49 35.62
CA GLY A 559 -5.91 -15.69 36.40
C GLY A 559 -6.56 -15.79 37.79
N ARG A 560 -7.50 -14.89 38.08
CA ARG A 560 -8.20 -14.87 39.37
C ARG A 560 -9.32 -15.92 39.43
N GLU A 561 -9.80 -16.18 40.64
CA GLU A 561 -10.95 -17.07 40.87
C GLU A 561 -12.19 -16.40 40.30
N ASP A 562 -12.52 -15.23 40.85
CA ASP A 562 -13.59 -14.39 40.32
C ASP A 562 -12.91 -13.31 39.49
N LYS A 563 -12.95 -13.48 38.16
CA LYS A 563 -12.29 -12.57 37.22
C LYS A 563 -12.91 -11.18 37.25
N GLU A 564 -14.22 -11.11 37.06
CA GLU A 564 -14.91 -9.81 37.01
C GLU A 564 -14.85 -9.01 38.31
N ALA A 565 -14.84 -9.71 39.46
CA ALA A 565 -14.67 -9.05 40.76
C ALA A 565 -13.31 -8.36 40.90
N CYS A 566 -12.27 -8.98 40.32
CA CYS A 566 -10.92 -8.44 40.28
C CYS A 566 -10.85 -7.15 39.44
N PHE A 567 -11.38 -7.21 38.21
CA PHE A 567 -11.45 -6.02 37.34
C PHE A 567 -12.23 -4.88 38.00
N ALA A 568 -13.39 -5.20 38.55
CA ALA A 568 -14.24 -4.22 39.25
C ALA A 568 -13.57 -3.57 40.47
N GLU A 569 -12.76 -4.35 41.18
CA GLU A 569 -12.06 -3.91 42.39
C GLU A 569 -10.74 -3.18 42.07
N GLU A 570 -9.85 -3.88 41.36
CA GLU A 570 -8.51 -3.37 41.05
C GLU A 570 -8.49 -2.33 39.92
N GLY A 571 -9.50 -2.34 39.06
CA GLY A 571 -9.56 -1.46 37.89
C GLY A 571 -9.53 0.03 38.22
N PRO A 572 -10.53 0.52 38.97
CA PRO A 572 -10.58 1.91 39.43
C PRO A 572 -9.32 2.38 40.20
N LYS A 573 -8.72 1.49 40.98
CA LYS A 573 -7.51 1.78 41.75
C LYS A 573 -6.32 2.06 40.84
N LEU A 574 -6.10 1.17 39.88
CA LEU A 574 -5.07 1.33 38.85
C LEU A 574 -5.24 2.64 38.08
N VAL A 575 -6.45 2.86 37.58
CA VAL A 575 -6.79 4.03 36.76
C VAL A 575 -6.58 5.36 37.51
N ALA A 576 -6.89 5.36 38.81
CA ALA A 576 -6.68 6.55 39.66
C ALA A 576 -5.20 6.89 39.85
N SER A 577 -4.40 5.88 40.19
CA SER A 577 -2.96 6.05 40.41
C SER A 577 -2.19 6.28 39.11
N SER A 578 -2.76 5.82 37.98
CA SER A 578 -2.19 6.05 36.65
C SER A 578 -2.19 7.54 36.24
N GLN A 579 -3.25 8.27 36.58
CA GLN A 579 -3.32 9.73 36.35
C GLN A 579 -2.17 10.50 37.00
N LEU A 580 -1.83 10.10 38.22
CA LEU A 580 -0.76 10.73 38.99
C LEU A 580 0.62 10.39 38.41
N ALA A 581 0.82 9.11 38.05
CA ALA A 581 2.08 8.64 37.47
C ALA A 581 2.43 9.24 36.10
N LEU A 582 1.43 9.78 35.39
CA LEU A 582 1.63 10.48 34.11
C LEU A 582 1.78 12.01 34.19
N ALA A 583 1.85 12.56 35.41
CA ALA A 583 1.96 14.01 35.61
C ALA A 583 3.30 14.57 35.09
#